data_5EQ1
#
_entry.id   5EQ1
#
_cell.length_a   60.380
_cell.length_b   60.380
_cell.length_c   63.200
_cell.angle_alpha   90.00
_cell.angle_beta   90.00
_cell.angle_gamma   120.00
#
_symmetry.space_group_name_H-M   'P 32 2 1'
#
loop_
_entity.id
_entity.type
_entity.pdbx_description
1 polymer Peregrin
2 non-polymer 5-METHYL-1,2,4-TRIAZOLO[3,4-B]BENZOTHIAZOLE
3 non-polymer 'NITRATE ION'
4 water water
#
_entity_poly.entity_id   1
_entity_poly.type   'polypeptide(L)'
_entity_poly.pdbx_seq_one_letter_code
;SMEMQLTPFLILLRKTLEQLQEKDTGNIFSEPVPLSEVPDYLDHIKKPMDFFTMKQNLEAYRYLNFDDFEEDFNLIVSNC
LKYNAKDTIFYRAAVRLREQGGAVLRQARRQAEKMG
;
_entity_poly.pdbx_strand_id   A
#
# COMPACT_ATOMS: atom_id res chain seq x y z
N MET A 4 -15.17 -16.60 10.70
CA MET A 4 -14.96 -15.95 9.41
C MET A 4 -14.23 -16.90 8.45
N GLN A 5 -14.73 -16.97 7.21
CA GLN A 5 -14.17 -17.80 6.17
C GLN A 5 -13.03 -17.08 5.45
N LEU A 6 -11.98 -17.83 5.12
CA LEU A 6 -10.78 -17.24 4.52
C LEU A 6 -11.02 -16.76 3.09
N THR A 7 -11.68 -17.57 2.27
CA THR A 7 -11.80 -17.24 0.86
C THR A 7 -12.49 -15.91 0.59
N PRO A 8 -13.66 -15.60 1.17
CA PRO A 8 -14.27 -14.29 0.91
C PRO A 8 -13.40 -13.14 1.36
N PHE A 9 -12.67 -13.33 2.46
CA PHE A 9 -11.79 -12.28 2.94
C PHE A 9 -10.68 -11.99 1.94
N LEU A 10 -10.06 -13.04 1.38
CA LEU A 10 -8.98 -12.78 0.43
C LEU A 10 -9.53 -12.19 -0.85
N ILE A 11 -10.73 -12.61 -1.26
CA ILE A 11 -11.38 -11.97 -2.40
C ILE A 11 -11.56 -10.47 -2.15
N LEU A 12 -12.01 -10.11 -0.94
CA LEU A 12 -12.15 -8.70 -0.59
C LEU A 12 -10.81 -7.97 -0.64
N LEU A 13 -9.75 -8.59 -0.10
CA LEU A 13 -8.46 -7.90 -0.11
C LEU A 13 -7.93 -7.74 -1.54
N ARG A 14 -8.17 -8.72 -2.41
CA ARG A 14 -7.75 -8.58 -3.80
C ARG A 14 -8.44 -7.40 -4.46
N LYS A 15 -9.75 -7.27 -4.26
CA LYS A 15 -10.49 -6.14 -4.82
C LYS A 15 -10.01 -4.83 -4.24
N THR A 16 -9.75 -4.81 -2.93
CA THR A 16 -9.28 -3.60 -2.29
C THR A 16 -7.91 -3.20 -2.81
N LEU A 17 -7.00 -4.17 -2.99
CA LEU A 17 -5.69 -3.85 -3.52
C LEU A 17 -5.78 -3.28 -4.93
N GLU A 18 -6.67 -3.85 -5.76
CA GLU A 18 -6.88 -3.29 -7.10
C GLU A 18 -7.38 -1.86 -7.02
N GLN A 19 -8.29 -1.56 -6.09
CA GLN A 19 -8.81 -0.20 -5.98
C GLN A 19 -7.74 0.77 -5.51
N LEU A 20 -6.86 0.32 -4.61
CA LEU A 20 -5.76 1.17 -4.17
C LEU A 20 -4.78 1.42 -5.31
N GLN A 21 -4.46 0.39 -6.08
CA GLN A 21 -3.54 0.59 -7.20
C GLN A 21 -4.11 1.57 -8.21
N GLU A 22 -5.43 1.57 -8.40
CA GLU A 22 -6.06 2.52 -9.33
C GLU A 22 -5.85 3.96 -8.90
N LYS A 23 -5.75 4.23 -7.60
CA LYS A 23 -5.48 5.59 -7.12
C LYS A 23 -4.06 6.04 -7.43
N ASP A 24 -3.12 5.10 -7.55
CA ASP A 24 -1.73 5.39 -7.87
C ASP A 24 -1.60 5.48 -9.39
N THR A 25 -2.09 6.61 -9.93
CA THR A 25 -2.23 6.69 -11.38
C THR A 25 -0.88 6.76 -12.09
N GLY A 26 0.13 7.32 -11.44
CA GLY A 26 1.45 7.29 -12.01
C GLY A 26 2.19 5.98 -11.85
N ASN A 27 1.56 5.03 -11.15
CA ASN A 27 2.17 3.73 -10.87
C ASN A 27 3.53 3.88 -10.18
N ILE A 28 3.68 4.89 -9.33
CA ILE A 28 4.99 5.06 -8.72
C ILE A 28 5.19 4.08 -7.57
N PHE A 29 4.13 3.43 -7.11
CA PHE A 29 4.21 2.45 -6.03
C PHE A 29 3.92 1.04 -6.50
N SER A 30 3.95 0.78 -7.80
CA SER A 30 3.54 -0.52 -8.31
CA SER A 30 3.55 -0.52 -8.32
C SER A 30 4.59 -1.59 -8.07
N GLU A 31 5.87 -1.21 -7.99
CA GLU A 31 6.97 -2.15 -7.87
C GLU A 31 7.94 -1.61 -6.83
N PRO A 32 8.84 -2.44 -6.31
CA PRO A 32 9.81 -1.94 -5.34
C PRO A 32 10.58 -0.74 -5.86
N VAL A 33 10.83 0.23 -4.98
CA VAL A 33 11.69 1.36 -5.30
C VAL A 33 13.01 0.78 -5.82
N PRO A 34 13.44 1.15 -7.04
CA PRO A 34 14.66 0.52 -7.60
C PRO A 34 15.93 0.92 -6.87
N LEU A 35 16.44 0.01 -6.02
CA LEU A 35 17.60 0.32 -5.19
C LEU A 35 18.83 0.66 -6.03
N SER A 36 18.87 0.19 -7.28
CA SER A 36 19.97 0.55 -8.16
C SER A 36 19.97 2.04 -8.48
N GLU A 37 18.80 2.67 -8.51
CA GLU A 37 18.70 4.09 -8.84
C GLU A 37 18.75 4.99 -7.61
N VAL A 38 18.46 4.47 -6.43
CA VAL A 38 18.52 5.24 -5.19
C VAL A 38 19.35 4.45 -4.19
N PRO A 39 20.68 4.48 -4.29
CA PRO A 39 21.51 3.61 -3.44
C PRO A 39 21.42 3.93 -1.96
N ASP A 40 21.00 5.14 -1.57
CA ASP A 40 20.92 5.51 -0.17
C ASP A 40 19.54 5.23 0.44
N TYR A 41 18.65 4.58 -0.32
CA TYR A 41 17.27 4.42 0.13
C TYR A 41 17.19 3.61 1.42
N LEU A 42 17.95 2.53 1.51
CA LEU A 42 17.93 1.70 2.71
C LEU A 42 18.64 2.33 3.90
N ASP A 43 19.35 3.45 3.71
CA ASP A 43 19.84 4.22 4.86
C ASP A 43 18.68 4.71 5.72
N HIS A 44 17.60 5.14 5.09
CA HIS A 44 16.48 5.78 5.77
C HIS A 44 15.30 4.86 5.98
N ILE A 45 15.09 3.90 5.09
CA ILE A 45 13.85 3.14 5.01
C ILE A 45 14.12 1.73 5.54
N LYS A 46 13.52 1.40 6.68
CA LYS A 46 13.78 0.12 7.34
C LYS A 46 13.09 -1.04 6.64
N LYS A 47 11.90 -0.81 6.08
CA LYS A 47 11.12 -1.87 5.44
C LYS A 47 10.47 -1.34 4.18
N PRO A 48 11.12 -1.51 3.02
CA PRO A 48 10.49 -1.10 1.76
C PRO A 48 9.17 -1.84 1.53
N MET A 49 8.26 -1.18 0.81
CA MET A 49 6.99 -1.81 0.45
C MET A 49 6.47 -1.20 -0.85
N ASP A 50 5.64 -1.98 -1.54
CA ASP A 50 5.08 -1.62 -2.84
C ASP A 50 3.90 -2.55 -3.11
N PHE A 51 3.11 -2.21 -4.14
CA PHE A 51 1.88 -2.97 -4.37
C PHE A 51 2.14 -4.38 -4.90
N PHE A 52 3.25 -4.57 -5.63
CA PHE A 52 3.54 -5.92 -6.11
C PHE A 52 3.92 -6.83 -4.96
N THR A 53 4.74 -6.34 -4.04
CA THR A 53 5.04 -7.10 -2.83
C THR A 53 3.77 -7.39 -2.04
N MET A 54 2.87 -6.40 -1.93
CA MET A 54 1.61 -6.62 -1.23
C MET A 54 0.81 -7.75 -1.86
N LYS A 55 0.74 -7.78 -3.20
CA LYS A 55 0.04 -8.86 -3.88
C LYS A 55 0.67 -10.21 -3.58
N GLN A 56 2.00 -10.27 -3.56
CA GLN A 56 2.66 -11.55 -3.24
C GLN A 56 2.39 -11.96 -1.81
N ASN A 57 2.40 -10.99 -0.87
CA ASN A 57 2.07 -11.30 0.51
C ASN A 57 0.64 -11.80 0.65
N LEU A 58 -0.30 -11.13 -0.03
CA LEU A 58 -1.70 -11.53 -0.01
C LEU A 58 -1.85 -12.99 -0.43
N GLU A 59 -1.26 -13.35 -1.58
CA GLU A 59 -1.42 -14.72 -2.09
C GLU A 59 -0.63 -15.74 -1.28
N ALA A 60 0.35 -15.29 -0.49
CA ALA A 60 1.07 -16.18 0.41
C ALA A 60 0.35 -16.38 1.73
N TYR A 61 -0.87 -15.83 1.86
CA TYR A 61 -1.67 -15.92 3.07
C TYR A 61 -0.97 -15.23 4.24
N ARG A 62 -0.27 -14.14 3.96
CA ARG A 62 0.37 -13.38 5.01
C ARG A 62 -0.54 -12.32 5.61
N TYR A 63 -1.66 -12.00 4.94
CA TYR A 63 -2.65 -11.03 5.43
C TYR A 63 -3.89 -11.80 5.85
N LEU A 64 -4.10 -11.94 7.16
CA LEU A 64 -5.26 -12.67 7.65
C LEU A 64 -6.22 -11.79 8.44
N ASN A 65 -5.93 -10.50 8.54
CA ASN A 65 -6.86 -9.53 9.09
C ASN A 65 -6.61 -8.21 8.39
N PHE A 66 -7.55 -7.29 8.52
CA PHE A 66 -7.41 -6.07 7.75
C PHE A 66 -6.20 -5.24 8.20
N ASP A 67 -5.85 -5.27 9.49
CA ASP A 67 -4.70 -4.52 9.96
C ASP A 67 -3.39 -4.96 9.31
N ASP A 68 -3.22 -6.28 9.10
CA ASP A 68 -2.05 -6.80 8.39
C ASP A 68 -1.91 -6.09 7.06
N PHE A 69 -3.03 -5.96 6.37
CA PHE A 69 -3.07 -5.41 5.02
C PHE A 69 -2.82 -3.91 5.05
N GLU A 70 -3.53 -3.21 5.93
CA GLU A 70 -3.44 -1.75 5.98
C GLU A 70 -2.07 -1.29 6.48
N GLU A 71 -1.42 -2.07 7.34
CA GLU A 71 -0.09 -1.70 7.79
C GLU A 71 0.89 -1.65 6.62
N ASP A 72 0.79 -2.60 5.68
CA ASP A 72 1.72 -2.57 4.56
C ASP A 72 1.37 -1.42 3.60
N PHE A 73 0.07 -1.15 3.39
CA PHE A 73 -0.29 0.04 2.63
C PHE A 73 0.28 1.30 3.27
N ASN A 74 0.17 1.42 4.60
CA ASN A 74 0.68 2.60 5.28
C ASN A 74 2.19 2.74 5.12
N LEU A 75 2.90 1.61 5.01
CA LEU A 75 4.34 1.65 4.77
C LEU A 75 4.66 2.24 3.41
N ILE A 76 3.91 1.84 2.38
CA ILE A 76 4.07 2.46 1.06
C ILE A 76 4.03 3.97 1.18
N VAL A 77 3.00 4.48 1.86
CA VAL A 77 2.83 5.93 2.02
C VAL A 77 3.95 6.51 2.87
N SER A 78 4.16 5.97 4.07
CA SER A 78 5.08 6.59 5.04
CA SER A 78 5.08 6.62 5.02
C SER A 78 6.52 6.55 4.54
N ASN A 79 6.92 5.46 3.87
CA ASN A 79 8.28 5.39 3.34
C ASN A 79 8.52 6.50 2.34
N CYS A 80 7.53 6.78 1.50
CA CYS A 80 7.66 7.79 0.44
C CYS A 80 7.71 9.19 1.04
N LEU A 81 6.87 9.46 2.05
CA LEU A 81 6.93 10.75 2.75
C LEU A 81 8.27 10.92 3.44
N LYS A 82 8.82 9.83 3.98
CA LYS A 82 10.09 9.93 4.68
C LYS A 82 11.23 10.22 3.71
N TYR A 83 11.29 9.50 2.60
CA TYR A 83 12.47 9.56 1.74
C TYR A 83 12.52 10.85 0.93
N ASN A 84 11.37 11.35 0.48
CA ASN A 84 11.33 12.42 -0.51
C ASN A 84 11.02 13.76 0.13
N ALA A 85 11.60 14.81 -0.46
CA ALA A 85 11.35 16.16 0.01
C ALA A 85 9.91 16.58 -0.27
N LYS A 86 9.42 17.53 0.52
CA LYS A 86 8.02 17.92 0.42
C LYS A 86 7.67 18.49 -0.94
N ASP A 87 8.61 19.15 -1.59
CA ASP A 87 8.30 19.83 -2.85
C ASP A 87 8.42 18.93 -4.06
N THR A 88 8.30 17.61 -3.91
CA THR A 88 8.44 16.68 -5.01
C THR A 88 7.10 16.07 -5.41
N ILE A 89 7.04 15.62 -6.68
CA ILE A 89 5.89 14.84 -7.15
C ILE A 89 5.71 13.59 -6.30
N PHE A 90 6.81 12.89 -5.96
CA PHE A 90 6.71 11.66 -5.19
C PHE A 90 6.05 11.91 -3.84
N TYR A 91 6.51 12.94 -3.11
CA TYR A 91 5.91 13.23 -1.81
C TYR A 91 4.42 13.55 -1.95
N ARG A 92 4.06 14.40 -2.91
N ARG A 92 4.06 14.38 -2.93
CA ARG A 92 2.65 14.74 -3.04
CA ARG A 92 2.65 14.75 -3.08
C ARG A 92 1.83 13.54 -3.49
C ARG A 92 1.81 13.58 -3.56
N ALA A 93 2.40 12.65 -4.31
CA ALA A 93 1.69 11.43 -4.70
C ALA A 93 1.38 10.55 -3.50
N ALA A 94 2.30 10.49 -2.52
CA ALA A 94 2.05 9.72 -1.31
C ALA A 94 0.95 10.37 -0.47
N VAL A 95 0.93 11.71 -0.42
CA VAL A 95 -0.15 12.39 0.29
C VAL A 95 -1.48 12.08 -0.36
N ARG A 96 -1.53 12.19 -1.68
CA ARG A 96 -2.77 11.91 -2.40
C ARG A 96 -3.21 10.47 -2.20
N LEU A 97 -2.26 9.53 -2.23
CA LEU A 97 -2.61 8.12 -2.02
C LEU A 97 -3.12 7.90 -0.59
N ARG A 98 -2.50 8.53 0.39
CA ARG A 98 -3.00 8.45 1.76
C ARG A 98 -4.45 8.89 1.83
N GLU A 99 -4.77 10.01 1.17
CA GLU A 99 -6.12 10.57 1.24
C GLU A 99 -7.09 9.70 0.46
N GLN A 100 -6.80 9.43 -0.81
CA GLN A 100 -7.74 8.67 -1.62
C GLN A 100 -7.79 7.21 -1.20
N GLY A 101 -6.66 6.66 -0.76
CA GLY A 101 -6.63 5.26 -0.35
C GLY A 101 -7.30 5.02 1.00
N GLY A 102 -7.22 5.99 1.91
CA GLY A 102 -7.91 5.85 3.18
C GLY A 102 -9.40 5.64 3.02
N ALA A 103 -10.00 6.30 2.03
CA ALA A 103 -11.42 6.12 1.78
C ALA A 103 -11.73 4.72 1.26
N VAL A 104 -10.90 4.22 0.35
CA VAL A 104 -11.02 2.84 -0.13
C VAL A 104 -10.94 1.87 1.04
N LEU A 105 -10.02 2.12 1.97
CA LEU A 105 -9.77 1.16 3.06
C LEU A 105 -10.91 1.17 4.07
N ARG A 106 -11.47 2.34 4.37
CA ARG A 106 -12.57 2.43 5.31
C ARG A 106 -13.77 1.61 4.85
N GLN A 107 -14.15 1.76 3.58
CA GLN A 107 -15.26 0.99 3.05
C GLN A 107 -14.94 -0.51 3.04
N ALA A 108 -13.70 -0.86 2.65
CA ALA A 108 -13.34 -2.27 2.59
C ALA A 108 -13.29 -2.90 3.98
N ARG A 109 -12.85 -2.15 5.00
CA ARG A 109 -12.82 -2.70 6.35
C ARG A 109 -14.24 -2.91 6.87
N ARG A 110 -15.16 -2.01 6.52
N ARG A 110 -15.16 -2.01 6.52
CA ARG A 110 -16.55 -2.18 6.93
CA ARG A 110 -16.55 -2.18 6.93
C ARG A 110 -17.15 -3.45 6.33
C ARG A 110 -17.14 -3.45 6.33
N GLN A 111 -16.74 -3.80 5.10
CA GLN A 111 -17.22 -5.04 4.50
C GLN A 111 -16.59 -6.25 5.17
N ALA A 112 -15.30 -6.17 5.51
CA ALA A 112 -14.68 -7.23 6.28
C ALA A 112 -15.41 -7.46 7.60
N GLU A 113 -15.84 -6.37 8.25
CA GLU A 113 -16.53 -6.49 9.53
C GLU A 113 -17.94 -7.06 9.39
N LYS A 114 -18.50 -7.09 8.17
CA LYS A 114 -19.77 -7.77 7.93
C LYS A 114 -19.61 -9.27 7.74
N MET A 115 -18.37 -9.77 7.74
CA MET A 115 -18.09 -11.19 7.59
C MET A 115 -18.06 -11.88 8.95
#